data_6GNY
#
_entry.id   6GNY
#
_cell.length_a   59.970
_cell.length_b   88.390
_cell.length_c   111.670
_cell.angle_alpha   90.00
_cell.angle_beta   90.00
_cell.angle_gamma   90.00
#
_symmetry.space_group_name_H-M   'C 2 2 21'
#
loop_
_entity.id
_entity.type
_entity.pdbx_description
1 polymer 'Membrane-anchored junction protein'
2 polymer 'Telomere repeats-binding bouquet formation protein 2'
3 non-polymer 2-AMINO-2-HYDROXYMETHYL-PROPANE-1,3-DIOL
4 water water
#
loop_
_entity_poly.entity_id
_entity_poly.type
_entity_poly.pdbx_seq_one_letter_code
_entity_poly.pdbx_strand_id
1 'polypeptide(L)'
;GSMSLKPFTYPFPETRFLHAGPNVYKFKIRYGKSIRGEEIENKEVITQELEDSVRVVLGNLDNLQPFATEHFIVFPYKSK
WERVSHLKFKHGEIILIPYPFVFTLYVE
;
A,C
2 'polypeptide(L)' GSMPVNNMVTGYISIDAMKKFLGELHDFIPGTSGYLAYHVQNE B,D
#
loop_
_chem_comp.id
_chem_comp.type
_chem_comp.name
_chem_comp.formula
TRS non-polymer 2-AMINO-2-HYDROXYMETHYL-PROPANE-1,3-DIOL 'C4 H12 N O3 1'
#
# COMPACT_ATOMS: atom_id res chain seq x y z
N SER A 4 -18.92 -15.49 11.37
CA SER A 4 -18.23 -16.73 11.69
C SER A 4 -17.47 -17.27 10.49
N LEU A 5 -16.17 -16.97 10.43
CA LEU A 5 -15.33 -17.39 9.33
C LEU A 5 -14.48 -18.58 9.74
N LYS A 6 -14.18 -19.44 8.77
CA LYS A 6 -13.28 -20.55 9.04
C LYS A 6 -11.91 -20.01 9.46
N PRO A 7 -11.19 -20.75 10.30
CA PRO A 7 -9.87 -20.26 10.73
C PRO A 7 -8.96 -19.97 9.54
N PHE A 8 -8.14 -18.93 9.69
CA PHE A 8 -7.07 -18.68 8.73
C PHE A 8 -5.96 -19.69 8.95
N THR A 9 -5.26 -20.02 7.87
CA THR A 9 -4.22 -21.06 7.91
C THR A 9 -2.87 -20.49 8.31
N TYR A 10 -2.84 -19.62 9.32
CA TYR A 10 -1.58 -19.08 9.79
C TYR A 10 -0.65 -20.22 10.20
N PRO A 11 0.67 -20.15 9.88
CA PRO A 11 1.39 -19.09 9.17
C PRO A 11 1.63 -19.38 7.69
N PHE A 12 0.68 -20.07 7.05
CA PHE A 12 0.85 -20.40 5.65
C PHE A 12 0.00 -19.49 4.77
N PRO A 13 0.52 -19.02 3.64
CA PRO A 13 -0.27 -18.13 2.79
C PRO A 13 -1.55 -18.79 2.30
N GLU A 14 -2.58 -17.98 2.09
CA GLU A 14 -3.85 -18.52 1.64
C GLU A 14 -4.59 -17.49 0.82
N THR A 15 -5.53 -18.00 0.01
CA THR A 15 -6.47 -17.19 -0.73
C THR A 15 -7.86 -17.49 -0.18
N ARG A 16 -8.63 -16.44 0.12
CA ARG A 16 -9.96 -16.59 0.70
C ARG A 16 -10.95 -15.77 -0.11
N PHE A 17 -12.10 -16.36 -0.43
CA PHE A 17 -13.19 -15.64 -1.07
C PHE A 17 -14.25 -15.33 -0.02
N LEU A 18 -14.64 -14.06 0.04
CA LEU A 18 -15.52 -13.56 1.10
C LEU A 18 -16.71 -12.85 0.49
N HIS A 19 -17.88 -13.13 1.04
CA HIS A 19 -19.13 -12.51 0.60
C HIS A 19 -19.51 -11.45 1.62
N ALA A 20 -19.59 -10.20 1.15
CA ALA A 20 -20.01 -9.06 1.98
C ALA A 20 -20.93 -8.20 1.15
N GLY A 21 -22.15 -8.00 1.65
CA GLY A 21 -23.16 -7.28 0.90
C GLY A 21 -23.44 -7.98 -0.41
N PRO A 22 -23.56 -7.23 -1.50
CA PRO A 22 -23.84 -7.85 -2.80
C PRO A 22 -22.61 -8.28 -3.59
N ASN A 23 -21.43 -8.23 -2.99
CA ASN A 23 -20.18 -8.50 -3.69
C ASN A 23 -19.46 -9.70 -3.10
N VAL A 24 -18.59 -10.29 -3.92
CA VAL A 24 -17.65 -11.30 -3.49
C VAL A 24 -16.26 -10.70 -3.63
N TYR A 25 -15.43 -10.89 -2.61
CA TYR A 25 -14.09 -10.32 -2.57
C TYR A 25 -13.07 -11.44 -2.54
N LYS A 26 -11.95 -11.21 -3.21
CA LYS A 26 -10.83 -12.13 -3.19
C LYS A 26 -9.75 -11.54 -2.30
N PHE A 27 -9.37 -12.28 -1.26
CA PHE A 27 -8.36 -11.86 -0.33
C PHE A 27 -7.20 -12.84 -0.37
N LYS A 28 -5.99 -12.30 -0.27
CA LYS A 28 -4.78 -13.11 -0.16
C LYS A 28 -4.04 -12.68 1.11
N ILE A 29 -3.57 -13.67 1.86
CA ILE A 29 -2.81 -13.45 3.08
C ILE A 29 -1.39 -13.95 2.84
N ARG A 30 -0.41 -13.11 3.15
CA ARG A 30 1.00 -13.45 3.02
C ARG A 30 1.70 -13.06 4.32
N TYR A 31 2.65 -13.88 4.74
CA TYR A 31 3.38 -13.65 5.99
C TYR A 31 4.85 -13.40 5.71
N GLY A 32 5.41 -12.44 6.46
CA GLY A 32 6.79 -12.02 6.25
C GLY A 32 7.80 -12.92 6.93
N LYS A 33 9.07 -12.59 6.69
CA LYS A 33 10.17 -13.44 7.14
C LYS A 33 10.12 -13.68 8.64
N SER A 34 9.99 -12.60 9.42
CA SER A 34 10.02 -12.71 10.87
C SER A 34 8.87 -13.56 11.39
N ILE A 35 7.64 -13.21 11.01
CA ILE A 35 6.48 -13.90 11.57
C ILE A 35 6.42 -15.35 11.15
N ARG A 36 7.17 -15.74 10.12
CA ARG A 36 7.19 -17.13 9.69
C ARG A 36 8.11 -17.96 10.57
N GLY A 37 9.30 -17.44 10.88
CA GLY A 37 10.25 -18.20 11.69
C GLY A 37 9.69 -18.56 13.05
N GLU A 38 9.00 -17.61 13.68
CA GLU A 38 8.35 -17.84 14.96
C GLU A 38 6.88 -18.18 14.70
N GLU A 39 6.38 -19.18 15.40
CA GLU A 39 5.01 -19.65 15.22
C GLU A 39 4.21 -19.41 16.50
N ILE A 40 2.89 -19.32 16.34
CA ILE A 40 1.98 -19.01 17.42
C ILE A 40 1.11 -20.23 17.68
N GLU A 41 0.94 -20.58 18.95
CA GLU A 41 0.27 -21.80 19.34
C GLU A 41 -1.24 -21.66 19.44
N ASN A 42 -1.71 -20.55 20.02
CA ASN A 42 -3.13 -20.26 20.20
C ASN A 42 -3.60 -19.45 19.00
N LYS A 43 -4.02 -20.14 17.95
CA LYS A 43 -4.37 -19.48 16.70
C LYS A 43 -5.76 -18.85 16.69
N GLU A 44 -6.61 -19.12 17.68
CA GLU A 44 -7.91 -18.44 17.73
C GLU A 44 -7.74 -16.94 17.84
N VAL A 45 -6.82 -16.48 18.68
CA VAL A 45 -6.55 -15.04 18.78
C VAL A 45 -6.07 -14.50 17.43
N ILE A 46 -5.18 -15.24 16.78
CA ILE A 46 -4.64 -14.80 15.49
C ILE A 46 -5.73 -14.78 14.42
N THR A 47 -6.58 -15.81 14.39
CA THR A 47 -7.67 -15.82 13.42
C THR A 47 -8.59 -14.61 13.63
N GLN A 48 -8.85 -14.24 14.88
CA GLN A 48 -9.69 -13.07 15.15
C GLN A 48 -9.01 -11.79 14.69
N GLU A 49 -7.70 -11.66 14.90
CA GLU A 49 -6.99 -10.46 14.44
C GLU A 49 -7.01 -10.35 12.92
N LEU A 50 -6.93 -11.49 12.23
CA LEU A 50 -6.97 -11.45 10.78
C LEU A 50 -8.36 -11.12 10.26
N GLU A 51 -9.42 -11.65 10.90
CA GLU A 51 -10.76 -11.21 10.55
C GLU A 51 -10.90 -9.70 10.78
N ASP A 52 -10.44 -9.22 11.93
CA ASP A 52 -10.47 -7.78 12.19
C ASP A 52 -9.75 -7.02 11.10
N SER A 53 -8.59 -7.52 10.66
CA SER A 53 -7.84 -6.86 9.60
C SER A 53 -8.64 -6.84 8.30
N VAL A 54 -9.30 -7.95 7.97
CA VAL A 54 -10.14 -7.97 6.77
C VAL A 54 -11.26 -6.96 6.89
N ARG A 55 -11.87 -6.86 8.07
CA ARG A 55 -12.98 -5.94 8.25
C ARG A 55 -12.52 -4.48 8.15
N VAL A 56 -11.31 -4.18 8.61
CA VAL A 56 -10.77 -2.82 8.43
C VAL A 56 -10.57 -2.51 6.96
N VAL A 57 -10.03 -3.48 6.20
CA VAL A 57 -9.84 -3.26 4.77
C VAL A 57 -11.19 -3.01 4.09
N LEU A 58 -12.19 -3.82 4.42
CA LEU A 58 -13.51 -3.63 3.85
C LEU A 58 -14.13 -2.30 4.29
N GLY A 59 -13.74 -1.80 5.46
CA GLY A 59 -14.23 -0.51 5.93
C GLY A 59 -13.49 0.69 5.38
N ASN A 60 -12.40 0.46 4.64
CA ASN A 60 -11.57 1.53 4.09
C ASN A 60 -11.15 1.19 2.66
N LEU A 61 -12.09 0.67 1.86
CA LEU A 61 -11.76 0.18 0.54
C LEU A 61 -11.08 1.23 -0.32
N ASP A 62 -11.44 2.50 -0.13
CA ASP A 62 -10.97 3.58 -0.97
C ASP A 62 -9.81 4.34 -0.35
N ASN A 63 -9.26 3.86 0.77
CA ASN A 63 -8.14 4.53 1.40
C ASN A 63 -7.35 3.52 2.22
N LEU A 64 -6.75 2.53 1.55
CA LEU A 64 -5.96 1.53 2.23
C LEU A 64 -4.75 2.18 2.90
N GLN A 65 -4.48 1.75 4.13
CA GLN A 65 -3.36 2.25 4.90
C GLN A 65 -2.85 1.12 5.78
N PRO A 66 -1.56 1.09 6.09
CA PRO A 66 -1.05 0.07 7.00
C PRO A 66 -1.50 0.33 8.43
N PHE A 67 -1.56 -0.73 9.22
CA PHE A 67 -1.99 -0.60 10.60
C PHE A 67 -1.39 -1.72 11.43
N ALA A 68 -1.39 -1.53 12.74
CA ALA A 68 -0.82 -2.48 13.68
C ALA A 68 -1.92 -3.14 14.48
N THR A 69 -1.90 -4.48 14.53
CA THR A 69 -2.71 -5.24 15.45
C THR A 69 -1.87 -5.59 16.68
N GLU A 70 -2.42 -6.38 17.58
CA GLU A 70 -1.68 -6.75 18.78
C GLU A 70 -0.41 -7.52 18.45
N HIS A 71 -0.44 -8.35 17.40
CA HIS A 71 0.70 -9.19 17.05
C HIS A 71 1.34 -8.86 15.71
N PHE A 72 0.69 -8.09 14.85
CA PHE A 72 1.16 -7.91 13.48
C PHE A 72 1.16 -6.45 13.06
N ILE A 73 1.97 -6.17 12.04
CA ILE A 73 1.76 -5.02 11.17
C ILE A 73 1.17 -5.54 9.87
N VAL A 74 0.08 -4.92 9.42
CA VAL A 74 -0.59 -5.32 8.19
C VAL A 74 -0.42 -4.22 7.15
N PHE A 75 0.11 -4.59 5.98
CA PHE A 75 0.24 -3.69 4.84
C PHE A 75 -0.73 -4.14 3.77
N PRO A 76 -1.92 -3.57 3.69
CA PRO A 76 -2.88 -4.02 2.67
C PRO A 76 -2.62 -3.36 1.32
N TYR A 77 -2.81 -4.14 0.26
CA TYR A 77 -2.63 -3.66 -1.10
C TYR A 77 -3.73 -4.25 -1.98
N LYS A 78 -4.14 -3.48 -2.98
CA LYS A 78 -5.06 -3.98 -3.98
C LYS A 78 -4.35 -4.11 -5.33
N SER A 79 -4.78 -5.12 -6.09
CA SER A 79 -4.33 -5.34 -7.46
C SER A 79 -5.53 -5.83 -8.26
N LYS A 80 -5.45 -5.70 -9.58
CA LYS A 80 -6.58 -6.05 -10.42
C LYS A 80 -6.84 -7.55 -10.36
N TRP A 81 -8.10 -7.92 -10.18
CA TRP A 81 -8.50 -9.32 -10.23
C TRP A 81 -8.65 -9.72 -11.70
N GLU A 82 -7.60 -10.33 -12.24
CA GLU A 82 -7.52 -10.70 -13.64
C GLU A 82 -8.32 -11.97 -13.94
N ARG A 83 -8.73 -12.11 -15.20
CA ARG A 83 -9.51 -13.26 -15.67
C ARG A 83 -10.74 -13.51 -14.81
N VAL A 84 -11.36 -12.45 -14.31
CA VAL A 84 -12.62 -12.56 -13.58
C VAL A 84 -13.85 -12.34 -14.45
N SER A 85 -13.71 -11.70 -15.61
CA SER A 85 -14.87 -11.32 -16.41
C SER A 85 -15.68 -12.51 -16.91
N HIS A 86 -15.09 -13.70 -17.02
CA HIS A 86 -15.81 -14.88 -17.48
C HIS A 86 -16.32 -15.76 -16.35
N LEU A 87 -16.44 -15.21 -15.15
CA LEU A 87 -16.93 -15.96 -14.00
C LEU A 87 -18.25 -15.37 -13.51
N LYS A 88 -19.11 -16.25 -12.98
CA LYS A 88 -20.41 -15.84 -12.45
C LYS A 88 -20.61 -16.47 -11.08
N PHE A 89 -20.94 -15.63 -10.10
CA PHE A 89 -21.14 -16.05 -8.72
C PHE A 89 -22.60 -15.89 -8.34
N LYS A 90 -23.13 -16.89 -7.64
CA LYS A 90 -24.51 -16.87 -7.18
C LYS A 90 -24.56 -17.28 -5.71
N HIS A 91 -25.56 -16.73 -5.01
CA HIS A 91 -25.96 -17.19 -3.69
C HIS A 91 -27.43 -17.54 -3.83
N GLY A 92 -27.72 -18.82 -4.06
CA GLY A 92 -29.05 -19.20 -4.47
C GLY A 92 -29.37 -18.62 -5.83
N GLU A 93 -30.47 -17.87 -5.93
CA GLU A 93 -30.80 -17.17 -7.16
C GLU A 93 -30.18 -15.78 -7.23
N ILE A 94 -29.49 -15.36 -6.17
CA ILE A 94 -28.95 -14.01 -6.08
C ILE A 94 -27.63 -13.94 -6.83
N ILE A 95 -27.49 -12.95 -7.71
CA ILE A 95 -26.24 -12.73 -8.42
C ILE A 95 -25.30 -11.92 -7.52
N LEU A 96 -24.10 -12.45 -7.29
CA LEU A 96 -23.06 -11.76 -6.54
C LEU A 96 -22.04 -11.16 -7.51
N ILE A 97 -21.66 -9.92 -7.25
CA ILE A 97 -20.77 -9.16 -8.11
C ILE A 97 -19.34 -9.27 -7.57
N PRO A 98 -18.37 -9.76 -8.35
CA PRO A 98 -17.00 -9.77 -7.85
C PRO A 98 -16.42 -8.37 -7.77
N TYR A 99 -15.88 -8.03 -6.60
CA TYR A 99 -15.14 -6.77 -6.46
C TYR A 99 -13.90 -6.86 -7.34
N PRO A 100 -13.65 -5.89 -8.23
CA PRO A 100 -12.69 -6.10 -9.31
C PRO A 100 -11.23 -6.07 -8.88
N PHE A 101 -10.92 -5.92 -7.59
CA PHE A 101 -9.55 -5.89 -7.10
C PHE A 101 -9.33 -6.96 -6.06
N VAL A 102 -8.19 -7.65 -6.15
N VAL A 102 -8.22 -7.70 -6.22
CA VAL A 102 -7.82 -8.64 -5.15
CA VAL A 102 -7.75 -8.58 -5.17
C VAL A 102 -6.99 -7.96 -4.06
C VAL A 102 -7.15 -7.74 -4.06
N PHE A 103 -7.42 -8.11 -2.82
CA PHE A 103 -6.78 -7.49 -1.66
C PHE A 103 -5.75 -8.45 -1.09
N THR A 104 -4.51 -8.00 -1.01
CA THR A 104 -3.44 -8.77 -0.40
C THR A 104 -3.06 -8.11 0.92
N LEU A 105 -3.09 -8.90 1.98
CA LEU A 105 -2.67 -8.44 3.29
C LEU A 105 -1.26 -8.98 3.53
N TYR A 106 -0.27 -8.08 3.46
CA TYR A 106 1.10 -8.45 3.78
C TYR A 106 1.27 -8.33 5.30
N VAL A 107 1.29 -9.47 5.97
CA VAL A 107 1.35 -9.54 7.43
C VAL A 107 2.81 -9.66 7.84
N GLU A 108 3.27 -8.73 8.67
CA GLU A 108 4.67 -8.68 9.08
C GLU A 108 4.81 -8.71 10.60
N GLY B 11 6.36 3.55 13.82
CA GLY B 11 5.04 3.54 14.43
C GLY B 11 3.91 3.55 13.41
N TYR B 12 3.03 2.57 13.51
CA TYR B 12 1.87 2.47 12.63
C TYR B 12 0.60 2.67 13.46
N ILE B 13 -0.45 3.15 12.80
CA ILE B 13 -1.71 3.42 13.49
C ILE B 13 -2.31 2.11 13.98
N SER B 14 -2.91 2.16 15.16
CA SER B 14 -3.56 0.96 15.72
C SER B 14 -4.82 0.62 14.94
N ILE B 15 -5.04 -0.68 14.73
CA ILE B 15 -6.27 -1.15 14.10
C ILE B 15 -7.48 -0.61 14.83
N ASP B 16 -7.35 -0.42 16.15
CA ASP B 16 -8.48 0.02 16.98
C ASP B 16 -8.86 1.47 16.73
N ALA B 17 -8.06 2.23 16.00
CA ALA B 17 -8.40 3.61 15.65
C ALA B 17 -9.09 3.72 14.30
N MET B 18 -9.29 2.62 13.60
N MET B 18 -9.26 2.60 13.60
CA MET B 18 -9.71 2.67 12.22
CA MET B 18 -9.71 2.59 12.22
C MET B 18 -11.17 2.25 12.04
C MET B 18 -11.22 2.37 12.13
N LYS B 19 -11.78 2.77 10.99
CA LYS B 19 -13.13 2.37 10.63
C LYS B 19 -13.14 0.89 10.28
N LYS B 20 -14.24 0.23 10.62
CA LYS B 20 -14.34 -1.22 10.44
C LYS B 20 -15.72 -1.55 9.89
N PHE B 21 -15.75 -2.40 8.86
CA PHE B 21 -17.01 -2.96 8.41
C PHE B 21 -17.52 -3.96 9.43
N LEU B 22 -18.67 -3.67 10.03
CA LEU B 22 -19.23 -4.47 11.10
C LEU B 22 -20.39 -5.35 10.66
N GLY B 23 -20.74 -5.36 9.37
CA GLY B 23 -21.86 -6.12 8.89
C GLY B 23 -21.54 -7.59 8.76
N GLU B 24 -22.49 -8.33 8.17
CA GLU B 24 -22.34 -9.76 8.00
C GLU B 24 -21.25 -10.07 6.97
N LEU B 25 -20.41 -11.05 7.29
CA LEU B 25 -19.26 -11.40 6.46
C LEU B 25 -19.14 -12.92 6.45
N HIS B 26 -19.19 -13.50 5.25
CA HIS B 26 -19.25 -14.95 5.11
C HIS B 26 -18.17 -15.46 4.17
N ASP B 27 -17.70 -16.67 4.44
CA ASP B 27 -16.86 -17.38 3.48
C ASP B 27 -17.69 -17.77 2.26
N PHE B 28 -17.21 -17.41 1.07
CA PHE B 28 -17.88 -17.80 -0.17
C PHE B 28 -17.33 -19.16 -0.59
N ILE B 29 -18.10 -20.21 -0.32
CA ILE B 29 -17.69 -21.59 -0.59
C ILE B 29 -18.74 -22.22 -1.48
N PRO B 30 -18.48 -22.33 -2.79
CA PRO B 30 -19.46 -22.96 -3.69
C PRO B 30 -19.78 -24.38 -3.25
N GLY B 31 -21.04 -24.76 -3.40
CA GLY B 31 -21.52 -26.05 -2.93
C GLY B 31 -22.01 -26.05 -1.50
N THR B 32 -21.93 -24.91 -0.80
CA THR B 32 -22.44 -24.79 0.56
C THR B 32 -23.26 -23.51 0.67
N SER B 33 -24.25 -23.54 1.56
CA SER B 33 -25.07 -22.37 1.88
C SER B 33 -25.71 -21.75 0.64
N GLY B 34 -25.90 -22.53 -0.41
CA GLY B 34 -26.50 -22.04 -1.63
C GLY B 34 -25.54 -21.33 -2.59
N TYR B 35 -24.25 -21.30 -2.29
CA TYR B 35 -23.29 -20.64 -3.16
C TYR B 35 -22.98 -21.49 -4.37
N LEU B 36 -22.82 -20.83 -5.52
CA LEU B 36 -22.43 -21.51 -6.75
C LEU B 36 -21.55 -20.58 -7.56
N ALA B 37 -20.62 -21.18 -8.32
CA ALA B 37 -19.75 -20.45 -9.23
C ALA B 37 -19.51 -21.31 -10.46
N TYR B 38 -19.37 -20.65 -11.61
CA TYR B 38 -19.13 -21.39 -12.85
C TYR B 38 -18.67 -20.44 -13.93
N HIS B 39 -18.26 -21.02 -15.06
CA HIS B 39 -17.75 -20.30 -16.22
C HIS B 39 -18.86 -20.15 -17.27
N VAL B 40 -18.51 -19.51 -18.38
CA VAL B 40 -19.43 -19.32 -19.49
C VAL B 40 -19.84 -20.68 -20.06
N SER C 2 22.96 9.13 -12.72
CA SER C 2 23.24 8.61 -11.35
C SER C 2 22.15 9.02 -10.37
N MET C 3 22.21 10.27 -9.90
CA MET C 3 21.22 10.80 -8.97
C MET C 3 20.94 12.25 -9.36
N SER C 4 19.69 12.53 -9.71
CA SER C 4 19.27 13.90 -10.01
C SER C 4 18.80 14.65 -8.78
N LEU C 5 18.51 13.95 -7.69
CA LEU C 5 17.97 14.54 -6.48
C LEU C 5 19.04 14.66 -5.40
N LYS C 6 18.86 15.63 -4.52
CA LYS C 6 19.72 15.76 -3.36
C LYS C 6 19.62 14.47 -2.55
N PRO C 7 20.70 14.05 -1.90
CA PRO C 7 20.64 12.80 -1.12
C PRO C 7 19.51 12.83 -0.11
N PHE C 8 18.85 11.69 0.06
CA PHE C 8 17.89 11.55 1.14
C PHE C 8 18.62 11.42 2.47
N THR C 9 17.98 11.92 3.53
CA THR C 9 18.60 12.01 4.85
C THR C 9 18.38 10.73 5.67
N TYR C 10 18.61 9.58 5.06
CA TYR C 10 18.52 8.33 5.79
C TYR C 10 19.40 8.38 7.03
N PRO C 11 18.94 7.89 8.19
CA PRO C 11 17.63 7.29 8.46
C PRO C 11 16.64 8.27 9.10
N PHE C 12 16.70 9.55 8.70
CA PHE C 12 15.77 10.51 9.30
C PHE C 12 14.58 10.71 8.37
N PRO C 13 13.36 10.65 8.88
CA PRO C 13 12.20 10.86 8.01
C PRO C 13 12.22 12.25 7.43
N GLU C 14 11.71 12.39 6.20
CA GLU C 14 11.73 13.68 5.55
C GLU C 14 10.57 13.80 4.57
N THR C 15 10.23 15.04 4.26
CA THR C 15 9.26 15.38 3.24
C THR C 15 10.00 16.05 2.09
N ARG C 16 9.72 15.61 0.87
CA ARG C 16 10.39 16.12 -0.31
C ARG C 16 9.34 16.48 -1.36
N PHE C 17 9.50 17.65 -1.97
CA PHE C 17 8.68 18.05 -3.11
C PHE C 17 9.50 17.89 -4.38
N LEU C 18 8.91 17.23 -5.39
CA LEU C 18 9.62 16.83 -6.59
C LEU C 18 8.92 17.38 -7.82
N HIS C 19 9.70 17.95 -8.74
CA HIS C 19 9.22 18.51 -9.99
C HIS C 19 9.58 17.57 -11.14
N ALA C 20 8.57 17.09 -11.85
CA ALA C 20 8.80 16.30 -13.06
C ALA C 20 7.84 16.78 -14.13
N GLY C 21 8.37 17.25 -15.24
CA GLY C 21 7.55 17.78 -16.29
C GLY C 21 6.70 18.93 -15.79
N PRO C 22 5.40 18.90 -16.10
CA PRO C 22 4.49 19.95 -15.63
C PRO C 22 3.89 19.71 -14.25
N ASN C 23 4.35 18.71 -13.51
CA ASN C 23 3.72 18.34 -12.24
C ASN C 23 4.69 18.51 -11.09
N VAL C 24 4.13 18.71 -9.90
CA VAL C 24 4.87 18.67 -8.64
C VAL C 24 4.26 17.58 -7.75
N TYR C 25 5.12 16.79 -7.11
CA TYR C 25 4.69 15.69 -6.26
C TYR C 25 5.19 15.92 -4.83
N LYS C 26 4.38 15.49 -3.86
CA LYS C 26 4.78 15.52 -2.45
C LYS C 26 5.07 14.10 -1.98
N PHE C 27 6.28 13.88 -1.48
CA PHE C 27 6.74 12.59 -1.00
C PHE C 27 7.13 12.68 0.48
N LYS C 28 6.80 11.62 1.23
CA LYS C 28 7.27 11.47 2.59
C LYS C 28 7.97 10.13 2.73
N ILE C 29 9.13 10.13 3.39
CA ILE C 29 9.91 8.91 3.62
C ILE C 29 9.91 8.65 5.12
N ARG C 30 9.58 7.42 5.50
CA ARG C 30 9.55 6.99 6.90
C ARG C 30 10.35 5.69 7.02
N TYR C 31 11.07 5.54 8.13
CA TYR C 31 11.90 4.38 8.37
C TYR C 31 11.40 3.63 9.60
N GLY C 32 11.40 2.30 9.50
CA GLY C 32 10.86 1.45 10.55
C GLY C 32 11.86 1.18 11.68
N LYS C 33 11.37 0.44 12.68
CA LYS C 33 12.16 0.21 13.89
C LYS C 33 13.51 -0.42 13.56
N SER C 34 13.51 -1.49 12.77
CA SER C 34 14.76 -2.20 12.51
C SER C 34 15.77 -1.29 11.82
N ILE C 35 15.40 -0.74 10.66
CA ILE C 35 16.32 0.08 9.89
C ILE C 35 16.60 1.43 10.54
N ARG C 36 15.76 1.87 11.48
CA ARG C 36 15.93 3.18 12.10
C ARG C 36 17.00 3.15 13.19
N GLY C 37 16.96 2.15 14.06
CA GLY C 37 17.91 2.10 15.16
C GLY C 37 19.35 1.97 14.71
N GLU C 38 19.58 1.15 13.68
CA GLU C 38 20.92 0.92 13.16
C GLU C 38 21.21 1.81 11.97
N GLU C 39 22.44 2.34 11.92
CA GLU C 39 22.88 3.18 10.83
C GLU C 39 24.01 2.49 10.07
N ILE C 40 24.12 2.78 8.79
CA ILE C 40 25.10 2.17 7.91
C ILE C 40 25.98 3.27 7.33
N GLU C 41 27.28 2.98 7.20
CA GLU C 41 28.24 4.00 6.78
C GLU C 41 28.23 4.21 5.28
N ASN C 42 27.92 3.18 4.48
CA ASN C 42 27.89 3.33 3.03
C ASN C 42 26.52 3.87 2.65
N LYS C 43 26.36 5.19 2.80
CA LYS C 43 25.09 5.83 2.54
C LYS C 43 24.88 6.17 1.07
N GLU C 44 25.96 6.18 0.28
CA GLU C 44 25.81 6.44 -1.14
C GLU C 44 24.99 5.35 -1.81
N VAL C 45 25.26 4.09 -1.48
CA VAL C 45 24.46 2.99 -1.99
C VAL C 45 23.02 3.14 -1.53
N ILE C 46 22.83 3.47 -0.25
CA ILE C 46 21.48 3.62 0.30
C ILE C 46 20.77 4.80 -0.36
N THR C 47 21.46 5.94 -0.50
CA THR C 47 20.83 7.10 -1.12
C THR C 47 20.42 6.78 -2.55
N GLN C 48 21.24 6.02 -3.28
CA GLN C 48 20.87 5.63 -4.64
C GLN C 48 19.64 4.73 -4.63
N GLU C 49 19.59 3.79 -3.68
CA GLU C 49 18.44 2.90 -3.58
C GLU C 49 17.17 3.67 -3.29
N LEU C 50 17.26 4.73 -2.48
CA LEU C 50 16.07 5.49 -2.14
C LEU C 50 15.58 6.32 -3.32
N GLU C 51 16.50 6.95 -4.07
CA GLU C 51 16.07 7.60 -5.30
C GLU C 51 15.48 6.59 -6.28
N ASP C 52 16.12 5.42 -6.41
CA ASP C 52 15.55 4.37 -7.25
C ASP C 52 14.13 4.03 -6.80
N SER C 53 13.91 3.92 -5.49
CA SER C 53 12.58 3.59 -4.97
C SER C 53 11.57 4.69 -5.31
N VAL C 54 11.97 5.96 -5.18
CA VAL C 54 11.09 7.06 -5.54
C VAL C 54 10.72 6.98 -7.01
N ARG C 55 11.70 6.69 -7.87
CA ARG C 55 11.42 6.61 -9.30
C ARG C 55 10.51 5.44 -9.64
N VAL C 56 10.62 4.32 -8.90
CA VAL C 56 9.70 3.22 -9.12
C VAL C 56 8.28 3.64 -8.78
N VAL C 57 8.11 4.37 -7.68
CA VAL C 57 6.78 4.83 -7.28
C VAL C 57 6.19 5.75 -8.35
N LEU C 58 6.99 6.69 -8.86
CA LEU C 58 6.52 7.55 -9.93
C LEU C 58 6.24 6.78 -11.21
N GLY C 59 6.89 5.62 -11.39
CA GLY C 59 6.65 4.79 -12.55
C GLY C 59 5.46 3.86 -12.43
N ASN C 60 4.80 3.84 -11.27
CA ASN C 60 3.66 2.95 -11.04
C ASN C 60 2.58 3.67 -10.26
N LEU C 61 2.29 4.92 -10.66
CA LEU C 61 1.40 5.78 -9.90
C LEU C 61 0.04 5.14 -9.65
N ASP C 62 -0.45 4.35 -10.61
CA ASP C 62 -1.78 3.76 -10.53
C ASP C 62 -1.76 2.30 -10.10
N ASN C 63 -0.63 1.77 -9.66
CA ASN C 63 -0.57 0.40 -9.19
C ASN C 63 0.58 0.22 -8.20
N LEU C 64 0.51 0.94 -7.08
CA LEU C 64 1.56 0.81 -6.08
C LEU C 64 1.60 -0.59 -5.51
N GLN C 65 2.81 -1.12 -5.34
CA GLN C 65 3.03 -2.45 -4.78
C GLN C 65 4.33 -2.39 -3.99
N PRO C 66 4.48 -3.20 -2.95
CA PRO C 66 5.74 -3.21 -2.22
C PRO C 66 6.83 -3.87 -3.05
N PHE C 67 8.08 -3.52 -2.73
CA PHE C 67 9.22 -4.08 -3.45
C PHE C 67 10.44 -4.06 -2.54
N ALA C 68 11.42 -4.88 -2.89
CA ALA C 68 12.62 -5.06 -2.10
C ALA C 68 13.83 -4.48 -2.84
N THR C 69 14.61 -3.66 -2.13
CA THR C 69 15.92 -3.26 -2.60
C THR C 69 16.95 -4.15 -1.90
N GLU C 70 18.23 -3.85 -2.15
CA GLU C 70 19.28 -4.65 -1.52
C GLU C 70 19.22 -4.56 -0.01
N HIS C 71 18.84 -3.40 0.53
CA HIS C 71 18.85 -3.18 1.96
C HIS C 71 17.48 -2.99 2.58
N PHE C 72 16.44 -2.75 1.78
CA PHE C 72 15.14 -2.37 2.33
C PHE C 72 14.02 -3.14 1.66
N ILE C 73 12.89 -3.20 2.37
CA ILE C 73 11.58 -3.44 1.78
C ILE C 73 10.84 -2.11 1.82
N VAL C 74 10.29 -1.69 0.69
CA VAL C 74 9.55 -0.44 0.59
C VAL C 74 8.07 -0.73 0.39
N PHE C 75 7.23 -0.15 1.26
CA PHE C 75 5.78 -0.23 1.16
C PHE C 75 5.23 1.15 0.79
N PRO C 76 5.00 1.43 -0.49
CA PRO C 76 4.49 2.76 -0.86
C PRO C 76 2.97 2.86 -0.74
N TYR C 77 2.51 4.04 -0.32
CA TYR C 77 1.10 4.33 -0.15
C TYR C 77 0.81 5.75 -0.64
N LYS C 78 -0.40 5.95 -1.15
CA LYS C 78 -0.92 7.27 -1.49
C LYS C 78 -2.00 7.66 -0.50
N SER C 79 -2.10 8.96 -0.23
CA SER C 79 -3.20 9.53 0.54
C SER C 79 -3.57 10.87 -0.07
N LYS C 80 -4.80 11.31 0.17
CA LYS C 80 -5.25 12.54 -0.44
C LYS C 80 -4.44 13.71 0.08
N TRP C 81 -3.94 14.54 -0.84
CA TRP C 81 -3.22 15.75 -0.49
C TRP C 81 -4.26 16.83 -0.19
N GLU C 82 -4.56 17.03 1.09
CA GLU C 82 -5.60 17.98 1.48
C GLU C 82 -5.07 19.41 1.36
N ARG C 83 -5.99 20.33 1.07
CA ARG C 83 -5.63 21.74 0.84
C ARG C 83 -4.48 21.86 -0.15
N VAL C 84 -4.53 21.04 -1.20
CA VAL C 84 -3.62 21.24 -2.32
C VAL C 84 -4.23 22.27 -3.26
N SER C 85 -5.55 22.45 -3.19
CA SER C 85 -6.22 23.51 -3.92
C SER C 85 -5.86 24.89 -3.37
N HIS C 86 -5.37 24.95 -2.13
CA HIS C 86 -4.99 26.21 -1.50
C HIS C 86 -3.50 26.49 -1.64
N LEU C 87 -2.80 25.75 -2.50
CA LEU C 87 -1.38 25.96 -2.76
C LEU C 87 -1.18 26.22 -4.24
N LYS C 88 -0.17 27.03 -4.55
CA LYS C 88 0.20 27.34 -5.93
C LYS C 88 1.70 27.13 -6.07
N PHE C 89 2.08 26.32 -7.06
CA PHE C 89 3.49 26.01 -7.32
C PHE C 89 3.87 26.59 -8.67
N LYS C 90 5.03 27.24 -8.72
CA LYS C 90 5.49 27.87 -9.95
C LYS C 90 6.93 27.49 -10.24
N HIS C 91 7.23 27.39 -11.53
CA HIS C 91 8.59 27.27 -12.05
C HIS C 91 8.77 28.43 -13.02
N GLY C 92 9.37 29.51 -12.56
CA GLY C 92 9.35 30.75 -13.33
C GLY C 92 7.93 31.24 -13.43
N GLU C 93 7.46 31.47 -14.66
CA GLU C 93 6.07 31.84 -14.88
C GLU C 93 5.14 30.66 -15.09
N ILE C 94 5.67 29.44 -15.18
CA ILE C 94 4.85 28.27 -15.47
C ILE C 94 4.21 27.77 -14.19
N ILE C 95 2.90 27.53 -14.23
CA ILE C 95 2.19 26.94 -13.12
C ILE C 95 2.39 25.43 -13.17
N LEU C 96 2.84 24.84 -12.07
CA LEU C 96 3.00 23.40 -11.98
C LEU C 96 1.76 22.81 -11.34
N ILE C 97 1.32 21.68 -11.87
CA ILE C 97 0.08 21.04 -11.43
C ILE C 97 0.45 20.07 -10.30
N PRO C 98 -0.02 20.28 -9.07
CA PRO C 98 0.28 19.33 -8.00
C PRO C 98 -0.49 18.04 -8.21
N TYR C 99 0.22 16.93 -8.13
CA TYR C 99 -0.43 15.63 -8.14
C TYR C 99 -1.26 15.48 -6.86
N PRO C 100 -2.56 15.16 -6.96
CA PRO C 100 -3.45 15.32 -5.79
C PRO C 100 -3.27 14.31 -4.67
N PHE C 101 -2.26 13.44 -4.76
CA PHE C 101 -2.00 12.44 -3.73
C PHE C 101 -0.59 12.60 -3.18
N VAL C 102 -0.47 12.48 -1.87
CA VAL C 102 0.82 12.43 -1.20
C VAL C 102 1.30 10.99 -1.17
N PHE C 103 2.58 10.77 -1.50
CA PHE C 103 3.18 9.44 -1.49
C PHE C 103 3.98 9.28 -0.20
N THR C 104 3.67 8.24 0.57
CA THR C 104 4.45 7.87 1.73
C THR C 104 5.15 6.55 1.45
N LEU C 105 6.47 6.54 1.57
CA LEU C 105 7.27 5.34 1.43
C LEU C 105 7.63 4.85 2.83
N TYR C 106 7.02 3.76 3.27
CA TYR C 106 7.39 3.15 4.54
C TYR C 106 8.57 2.22 4.25
N VAL C 107 9.77 2.66 4.60
CA VAL C 107 10.99 1.89 4.32
C VAL C 107 11.28 1.01 5.52
N GLU C 108 11.32 -0.30 5.31
CA GLU C 108 11.45 -1.26 6.41
C GLU C 108 12.64 -2.19 6.19
N GLY D 11 10.22 -12.32 0.39
CA GLY D 11 9.03 -12.73 -0.33
C GLY D 11 8.37 -11.58 -1.07
N TYR D 12 9.14 -10.53 -1.35
CA TYR D 12 8.67 -9.37 -2.07
C TYR D 12 9.37 -9.29 -3.43
N ILE D 13 8.69 -8.68 -4.40
CA ILE D 13 9.25 -8.54 -5.73
C ILE D 13 10.46 -7.62 -5.70
N SER D 14 11.48 -7.94 -6.49
CA SER D 14 12.67 -7.11 -6.54
C SER D 14 12.39 -5.80 -7.26
N ILE D 15 13.01 -4.72 -6.75
CA ILE D 15 12.91 -3.43 -7.42
C ILE D 15 13.34 -3.53 -8.88
N ASP D 16 14.28 -4.44 -9.19
CA ASP D 16 14.79 -4.55 -10.55
C ASP D 16 13.79 -5.15 -11.53
N ALA D 17 12.67 -5.70 -11.04
CA ALA D 17 11.62 -6.20 -11.91
C ALA D 17 10.51 -5.18 -12.13
N MET D 18 10.65 -3.97 -11.60
CA MET D 18 9.60 -2.96 -11.63
C MET D 18 9.87 -1.94 -12.72
N LYS D 19 8.79 -1.40 -13.28
CA LYS D 19 8.88 -0.19 -14.11
C LYS D 19 9.42 0.96 -13.26
N LYS D 20 10.19 1.83 -13.90
CA LYS D 20 10.82 2.94 -13.19
C LYS D 20 10.73 4.19 -14.06
N PHE D 21 10.30 5.30 -13.47
CA PHE D 21 10.34 6.58 -14.17
C PHE D 21 11.79 7.05 -14.26
N LEU D 22 12.32 7.10 -15.47
CA LEU D 22 13.72 7.42 -15.69
C LEU D 22 13.94 8.83 -16.22
N GLY D 23 12.88 9.63 -16.34
CA GLY D 23 12.98 10.96 -16.90
C GLY D 23 13.54 11.98 -15.92
N GLU D 24 13.52 13.25 -16.36
CA GLU D 24 14.08 14.33 -15.56
C GLU D 24 13.26 14.55 -14.30
N LEU D 25 13.95 14.67 -13.17
CA LEU D 25 13.32 14.79 -11.87
C LEU D 25 14.13 15.76 -11.02
N HIS D 26 13.49 16.81 -10.52
CA HIS D 26 14.19 17.87 -9.81
C HIS D 26 13.57 18.07 -8.43
N ASP D 27 14.43 18.45 -7.47
CA ASP D 27 13.95 18.90 -6.17
C ASP D 27 13.26 20.24 -6.33
N PHE D 28 12.01 20.32 -5.84
CA PHE D 28 11.27 21.57 -5.85
C PHE D 28 11.63 22.32 -4.57
N ILE D 29 12.48 23.33 -4.69
CA ILE D 29 12.98 24.08 -3.54
C ILE D 29 12.64 25.55 -3.75
N PRO D 30 11.62 26.06 -3.07
CA PRO D 30 11.25 27.47 -3.26
C PRO D 30 12.41 28.41 -2.98
N GLY D 31 12.49 29.46 -3.78
CA GLY D 31 13.59 30.41 -3.70
C GLY D 31 14.81 30.04 -4.51
N THR D 32 14.79 28.90 -5.20
CA THR D 32 15.90 28.47 -6.03
C THR D 32 15.37 27.99 -7.37
N SER D 33 16.23 28.09 -8.38
CA SER D 33 15.96 27.53 -9.71
C SER D 33 14.63 28.04 -10.29
N GLY D 34 14.19 29.23 -9.85
CA GLY D 34 12.96 29.79 -10.34
C GLY D 34 11.70 29.25 -9.67
N TYR D 35 11.84 28.37 -8.68
CA TYR D 35 10.69 27.79 -8.01
C TYR D 35 10.14 28.72 -6.95
N LEU D 36 8.81 28.81 -6.88
CA LEU D 36 8.14 29.57 -5.83
C LEU D 36 6.84 28.85 -5.46
N ALA D 37 6.44 29.03 -4.20
CA ALA D 37 5.19 28.46 -3.69
C ALA D 37 4.55 29.45 -2.74
N TYR D 38 3.22 29.45 -2.71
CA TYR D 38 2.48 30.37 -1.85
C TYR D 38 1.04 29.90 -1.75
N HIS D 39 0.27 30.58 -0.90
CA HIS D 39 -1.12 30.23 -0.65
C HIS D 39 -2.04 31.08 -1.51
N VAL D 40 -3.34 30.80 -1.40
CA VAL D 40 -4.37 31.50 -2.14
C VAL D 40 -5.49 31.88 -1.17
N GLN D 41 -6.53 32.51 -1.70
CA GLN D 41 -7.66 32.95 -0.89
C GLN D 41 -7.19 33.84 0.26
C TRS E . -19.01 -2.18 1.88
C1 TRS E . -19.89 -2.83 0.82
C2 TRS E . -18.95 -3.06 3.12
C3 TRS E . -19.53 -0.79 2.22
N TRS E . -17.64 -2.07 1.33
O1 TRS E . -20.88 -3.62 1.43
O2 TRS E . -18.50 -4.35 2.78
O3 TRS E . -19.05 -0.39 3.47
H11 TRS E . -19.28 -3.44 0.16
H12 TRS E . -20.37 -2.06 0.22
H21 TRS E . -19.94 -3.12 3.59
H22 TRS E . -18.27 -2.61 3.85
H31 TRS E . -19.22 -0.09 1.45
H32 TRS E . -20.62 -0.82 2.23
HN1 TRS E . -17.48 -1.55 0.47
HN2 TRS E . -17.13 -2.91 1.07
HN3 TRS E . -16.91 -1.64 1.88
HO1 TRS E . -21.44 -4.04 0.75
HO2 TRS E . -18.45 -4.91 3.59
HO3 TRS E . -19.46 0.47 3.72
#